data_3PGL
#
_entry.id   3PGL
#
_cell.length_a   125.525
_cell.length_b   78.260
_cell.length_c   62.682
_cell.angle_alpha   90.000
_cell.angle_beta   111.930
_cell.angle_gamma   90.000
#
_symmetry.space_group_name_H-M   'C 1 2 1'
#
loop_
_entity.id
_entity.type
_entity.pdbx_description
1 polymer 'Carboxy-terminal domain RNA polymerase II polypeptide A small phosphatase 1'
2 non-polymer 'MAGNESIUM ION'
3 non-polymer 2-[(R)-{[4-(3-methoxypropoxy)-3-methylpyridin-2-yl]methyl}sulfinyl]-1H-benzimidazole
4 water water
#
_entity_poly.entity_id   1
_entity_poly.type   'polypeptide(L)'
_entity_poly.pdbx_seq_one_letter_code
;QYLLPEAKAQDSDKICVVIDLDETLVHSSFKPVNNADFIIPVEIDGVVHQVYVLKRPHVDEFLQRMGELFECVLFTASLA
KYADPVADLLDKWGAFRARLFRESCVFHRGNYVKDLSRLGRDLRRVLILDNSPASYVFHPDNAVPVASWFDNMSDTELHD
LLPFFEQLSRVDDVYSVLRQ
;
_entity_poly.pdbx_strand_id   A,B
#
# COMPACT_ATOMS: atom_id res chain seq x y z
N GLN A 1 14.95 2.68 0.78
CA GLN A 1 15.11 3.64 -0.36
C GLN A 1 14.22 3.32 -1.58
N TYR A 2 13.97 4.35 -2.37
CA TYR A 2 12.99 4.37 -3.45
C TYR A 2 13.11 3.25 -4.49
N LEU A 3 11.99 3.00 -5.17
CA LEU A 3 11.94 2.00 -6.24
C LEU A 3 12.77 2.33 -7.45
N LEU A 4 12.88 3.62 -7.81
CA LEU A 4 13.67 4.04 -9.01
C LEU A 4 15.03 4.66 -8.64
N PRO A 5 16.07 4.48 -9.48
CA PRO A 5 17.28 5.36 -9.37
C PRO A 5 16.85 6.76 -9.75
N GLU A 6 17.71 7.75 -9.51
CA GLU A 6 17.46 9.10 -10.02
C GLU A 6 17.32 9.11 -11.53
N ALA A 7 16.43 9.97 -12.00
CA ALA A 7 16.23 10.12 -13.43
C ALA A 7 17.53 10.48 -14.11
N LYS A 8 17.79 9.83 -15.24
CA LYS A 8 18.88 10.26 -16.12
C LYS A 8 18.58 11.67 -16.69
N ALA A 9 19.60 12.36 -17.21
CA ALA A 9 19.40 13.77 -17.65
C ALA A 9 18.34 13.92 -18.75
N GLN A 10 18.35 13.03 -19.73
CA GLN A 10 17.27 12.94 -20.74
C GLN A 10 15.86 12.90 -20.22
N ASP A 11 15.71 12.44 -18.98
CA ASP A 11 14.41 12.07 -18.40
C ASP A 11 13.98 13.04 -17.28
N SER A 12 14.91 13.72 -16.63
CA SER A 12 14.53 14.53 -15.44
C SER A 12 13.42 15.53 -15.62
N ASP A 13 13.28 16.11 -16.80
CA ASP A 13 12.28 17.14 -16.91
C ASP A 13 10.93 16.58 -17.19
N LYS A 14 10.87 15.31 -17.60
CA LYS A 14 9.61 14.74 -18.05
C LYS A 14 8.74 14.19 -16.91
N ILE A 15 7.45 14.10 -17.21
CA ILE A 15 6.49 13.40 -16.36
C ILE A 15 6.84 11.93 -16.40
N CYS A 16 6.80 11.31 -15.24
CA CYS A 16 7.02 9.88 -15.08
C CYS A 16 5.69 9.14 -15.28
N VAL A 17 5.57 8.26 -16.29
CA VAL A 17 4.36 7.39 -16.42
C VAL A 17 4.64 5.91 -16.07
N VAL A 18 3.88 5.41 -15.10
CA VAL A 18 3.93 4.00 -14.69
C VAL A 18 2.92 3.27 -15.54
N ILE A 19 3.40 2.28 -16.30
CA ILE A 19 2.58 1.56 -17.29
C ILE A 19 2.41 0.07 -16.94
N ASP A 20 1.18 -0.37 -16.92
CA ASP A 20 0.82 -1.77 -16.68
C ASP A 20 1.02 -2.60 -17.94
N LEU A 21 1.30 -3.89 -17.74
CA LEU A 21 1.44 -4.84 -18.84
C LEU A 21 0.11 -5.56 -19.16
N ASP A 22 -0.19 -6.58 -18.39
CA ASP A 22 -1.35 -7.41 -18.64
C ASP A 22 -2.68 -6.70 -18.64
N GLU A 23 -3.41 -6.94 -19.72
CA GLU A 23 -4.72 -6.39 -20.02
C GLU A 23 -4.68 -4.86 -20.28
N THR A 24 -3.49 -4.27 -20.17
CA THR A 24 -3.31 -2.87 -20.59
C THR A 24 -2.69 -2.78 -22.00
N LEU A 25 -1.59 -3.50 -22.20
CA LEU A 25 -0.76 -3.42 -23.44
C LEU A 25 -0.78 -4.75 -24.15
N VAL A 26 -0.87 -5.83 -23.37
CA VAL A 26 -0.94 -7.16 -23.91
C VAL A 26 -1.97 -8.00 -23.17
N HIS A 27 -2.35 -9.12 -23.74
CA HIS A 27 -3.04 -10.17 -22.98
C HIS A 27 -2.36 -11.51 -23.23
N SER A 28 -1.82 -12.10 -22.18
CA SER A 28 -1.18 -13.39 -22.26
C SER A 28 -2.08 -14.50 -21.76
N SER A 29 -1.78 -15.73 -22.14
CA SER A 29 -2.58 -16.87 -21.75
C SER A 29 -1.82 -18.19 -21.85
N PHE A 30 -2.16 -19.14 -20.98
CA PHE A 30 -1.65 -20.50 -21.04
C PHE A 30 -2.42 -21.35 -22.06
N LYS A 31 -3.62 -20.96 -22.46
CA LYS A 31 -4.31 -21.71 -23.48
C LYS A 31 -3.80 -21.35 -24.88
N PRO A 32 -3.48 -22.36 -25.67
CA PRO A 32 -2.85 -22.01 -26.91
C PRO A 32 -3.70 -21.06 -27.73
N VAL A 33 -3.02 -20.08 -28.32
CA VAL A 33 -3.66 -19.13 -29.19
C VAL A 33 -3.05 -19.29 -30.58
N ASN A 34 -3.92 -19.38 -31.59
CA ASN A 34 -3.49 -19.57 -32.94
C ASN A 34 -2.56 -18.48 -33.55
N ASN A 35 -2.97 -17.23 -33.74
CA ASN A 35 -1.97 -16.43 -34.54
C ASN A 35 -1.31 -15.42 -33.60
N ALA A 36 -0.49 -15.91 -32.67
CA ALA A 36 -0.02 -15.13 -31.54
C ALA A 36 1.08 -14.13 -31.92
N ASP A 37 1.15 -13.00 -31.22
CA ASP A 37 2.25 -12.09 -31.54
C ASP A 37 3.59 -12.66 -31.02
N PHE A 38 3.62 -13.15 -29.78
CA PHE A 38 4.79 -13.92 -29.32
C PHE A 38 4.43 -15.00 -28.30
N ILE A 39 5.37 -15.90 -28.08
CA ILE A 39 5.15 -17.08 -27.28
C ILE A 39 6.36 -17.08 -26.39
N ILE A 40 6.13 -17.03 -25.06
CA ILE A 40 7.23 -17.03 -24.09
C ILE A 40 7.27 -18.37 -23.34
N PRO A 41 8.42 -19.08 -23.31
CA PRO A 41 8.40 -20.29 -22.50
C PRO A 41 8.64 -19.90 -21.06
N VAL A 42 7.82 -20.33 -20.13
CA VAL A 42 8.01 -19.95 -18.75
C VAL A 42 8.14 -21.21 -17.93
N GLU A 43 9.23 -21.30 -17.14
CA GLU A 43 9.51 -22.45 -16.23
C GLU A 43 8.74 -22.31 -14.95
N ILE A 44 7.85 -23.28 -14.70
CA ILE A 44 7.01 -23.29 -13.47
C ILE A 44 7.15 -24.61 -12.72
N ASP A 45 7.81 -24.53 -11.57
CA ASP A 45 8.23 -25.68 -10.78
C ASP A 45 8.87 -26.68 -11.72
N GLY A 46 9.98 -26.27 -12.34
CA GLY A 46 10.78 -27.17 -13.17
C GLY A 46 10.13 -27.50 -14.52
N VAL A 47 8.85 -27.24 -14.71
CA VAL A 47 8.25 -27.61 -15.99
C VAL A 47 8.04 -26.39 -16.85
N VAL A 48 8.59 -26.41 -18.05
CA VAL A 48 8.35 -25.30 -19.01
C VAL A 48 6.91 -25.34 -19.60
N HIS A 49 6.22 -24.19 -19.54
CA HIS A 49 4.92 -23.98 -20.17
C HIS A 49 4.95 -22.81 -21.17
N GLN A 50 4.33 -22.95 -22.34
CA GLN A 50 4.33 -21.90 -23.33
C GLN A 50 3.26 -20.88 -22.98
N VAL A 51 3.61 -19.57 -22.98
CA VAL A 51 2.64 -18.48 -22.75
C VAL A 51 2.36 -17.73 -24.05
N TYR A 52 1.09 -17.67 -24.45
CA TYR A 52 0.68 -17.09 -25.70
C TYR A 52 0.29 -15.61 -25.57
N VAL A 53 1.13 -14.74 -26.14
CA VAL A 53 0.99 -13.30 -25.93
C VAL A 53 0.43 -12.61 -27.13
N LEU A 54 -0.71 -11.93 -26.94
CA LEU A 54 -1.34 -11.11 -27.93
C LEU A 54 -1.11 -9.60 -27.60
N LYS A 55 -0.75 -8.79 -28.61
CA LYS A 55 -0.48 -7.32 -28.44
C LYS A 55 -1.73 -6.53 -28.61
N ARG A 56 -2.03 -5.60 -27.73
CA ARG A 56 -3.24 -4.79 -27.97
C ARG A 56 -3.09 -3.92 -29.27
N PRO A 57 -4.18 -3.70 -30.01
CA PRO A 57 -3.96 -2.86 -31.19
C PRO A 57 -3.30 -1.49 -30.89
N HIS A 58 -2.49 -1.02 -31.84
CA HIS A 58 -1.74 0.27 -31.77
C HIS A 58 -0.74 0.36 -30.64
N VAL A 59 -0.38 -0.78 -30.06
CA VAL A 59 0.57 -0.71 -28.94
C VAL A 59 1.95 -0.18 -29.35
N ASP A 60 2.34 -0.40 -30.60
CA ASP A 60 3.66 0.01 -31.08
C ASP A 60 3.76 1.53 -31.23
N GLU A 61 2.80 2.09 -31.91
CA GLU A 61 2.66 3.50 -32.01
C GLU A 61 2.58 4.07 -30.60
N PHE A 62 1.80 3.44 -29.71
CA PHE A 62 1.63 3.93 -28.36
C PHE A 62 2.93 3.97 -27.62
N LEU A 63 3.72 2.91 -27.62
CA LEU A 63 4.91 2.91 -26.76
C LEU A 63 6.03 3.74 -27.29
N GLN A 64 6.15 3.84 -28.61
CA GLN A 64 7.22 4.63 -29.17
C GLN A 64 6.93 6.10 -28.89
N ARG A 65 5.65 6.53 -29.01
CA ARG A 65 5.27 7.87 -28.66
C ARG A 65 5.35 8.19 -27.17
N MET A 66 4.91 7.30 -26.29
CA MET A 66 5.07 7.61 -24.85
C MET A 66 6.56 7.60 -24.47
N GLY A 67 7.42 6.84 -25.14
CA GLY A 67 8.83 6.78 -24.76
C GLY A 67 9.50 8.14 -24.97
N GLU A 68 8.93 8.91 -25.93
CA GLU A 68 9.35 10.29 -26.18
C GLU A 68 8.83 11.29 -25.18
N LEU A 69 7.52 11.26 -24.99
CA LEU A 69 6.82 12.19 -24.10
C LEU A 69 7.18 12.07 -22.61
N PHE A 70 7.67 10.89 -22.15
CA PHE A 70 7.66 10.63 -20.71
C PHE A 70 8.88 9.84 -20.31
N GLU A 71 9.17 9.79 -19.01
CA GLU A 71 10.06 8.78 -18.51
C GLU A 71 9.11 7.60 -18.22
N CYS A 72 9.05 6.65 -19.14
CA CYS A 72 8.13 5.53 -19.01
C CYS A 72 8.71 4.42 -18.11
N VAL A 73 7.89 3.88 -17.18
CA VAL A 73 8.28 2.76 -16.30
C VAL A 73 7.25 1.65 -16.39
N LEU A 74 7.67 0.45 -16.77
CA LEU A 74 6.77 -0.69 -16.63
C LEU A 74 6.63 -1.09 -15.15
N PHE A 75 5.37 -1.22 -14.73
CA PHE A 75 5.07 -1.58 -13.36
C PHE A 75 3.90 -2.58 -13.49
N THR A 76 4.27 -3.84 -13.41
CA THR A 76 3.27 -4.92 -13.45
C THR A 76 3.28 -5.81 -12.17
N ALA A 77 2.17 -6.51 -11.93
CA ALA A 77 2.06 -7.43 -10.76
C ALA A 77 2.62 -8.82 -11.05
N SER A 78 2.99 -9.07 -12.33
CA SER A 78 3.54 -10.34 -12.78
C SER A 78 4.95 -10.51 -12.33
N LEU A 79 5.45 -11.67 -12.64
CA LEU A 79 6.74 -12.09 -12.22
C LEU A 79 7.70 -11.75 -13.35
N ALA A 80 8.93 -11.34 -13.02
CA ALA A 80 9.93 -10.94 -14.04
C ALA A 80 10.16 -12.02 -15.10
N LYS A 81 10.04 -13.28 -14.68
CA LYS A 81 10.44 -14.40 -15.51
C LYS A 81 9.49 -14.44 -16.72
N TYR A 82 8.30 -13.89 -16.56
CA TYR A 82 7.39 -13.77 -17.67
C TYR A 82 7.44 -12.35 -18.25
N ALA A 83 7.40 -11.32 -17.40
CA ALA A 83 7.22 -9.92 -17.90
C ALA A 83 8.46 -9.34 -18.63
N ASP A 84 9.67 -9.64 -18.14
CA ASP A 84 10.93 -9.25 -18.79
C ASP A 84 11.00 -9.74 -20.23
N PRO A 85 10.83 -11.05 -20.50
CA PRO A 85 10.81 -11.44 -21.92
C PRO A 85 9.72 -10.77 -22.70
N VAL A 86 8.54 -10.61 -22.15
CA VAL A 86 7.52 -9.88 -22.92
C VAL A 86 8.01 -8.45 -23.27
N ALA A 87 8.63 -7.76 -22.31
CA ALA A 87 9.13 -6.38 -22.49
C ALA A 87 10.21 -6.26 -23.54
N ASP A 88 11.21 -7.17 -23.47
CA ASP A 88 12.32 -7.23 -24.44
C ASP A 88 11.69 -7.24 -25.79
N LEU A 89 10.63 -8.04 -25.97
CA LEU A 89 9.97 -8.23 -27.26
C LEU A 89 9.01 -7.12 -27.71
N LEU A 90 8.25 -6.53 -26.80
CA LEU A 90 7.38 -5.38 -27.09
C LEU A 90 8.18 -4.10 -27.31
N ASP A 91 9.15 -3.86 -26.42
CA ASP A 91 9.80 -2.56 -26.29
C ASP A 91 10.93 -2.34 -27.28
N LYS A 92 10.58 -2.24 -28.56
CA LYS A 92 11.52 -2.06 -29.66
C LYS A 92 12.32 -0.72 -29.65
N TRP A 93 11.95 0.22 -28.77
CA TRP A 93 12.45 1.60 -28.78
C TRP A 93 13.18 2.07 -27.57
N GLY A 94 13.33 1.20 -26.57
CA GLY A 94 13.94 1.58 -25.29
C GLY A 94 13.03 2.50 -24.50
N ALA A 95 11.73 2.48 -24.81
CA ALA A 95 10.73 3.21 -24.01
C ALA A 95 10.80 3.00 -22.48
N PHE A 96 10.97 1.78 -22.00
CA PHE A 96 10.86 1.55 -20.57
C PHE A 96 12.19 1.79 -19.99
N ARG A 97 12.28 2.78 -19.11
CA ARG A 97 13.59 3.19 -18.58
C ARG A 97 13.84 2.35 -17.31
N ALA A 98 12.75 1.77 -16.80
CA ALA A 98 12.86 0.82 -15.73
C ALA A 98 11.72 -0.18 -15.77
N ARG A 99 11.91 -1.30 -15.09
CA ARG A 99 10.86 -2.32 -15.00
C ARG A 99 10.68 -2.70 -13.54
N LEU A 100 9.45 -2.54 -13.06
CA LEU A 100 9.11 -3.01 -11.74
C LEU A 100 8.09 -4.17 -11.77
N PHE A 101 8.29 -5.11 -10.86
CA PHE A 101 7.49 -6.37 -10.91
C PHE A 101 6.70 -6.63 -9.64
N ARG A 102 6.32 -7.90 -9.41
CA ARG A 102 5.42 -8.29 -8.33
C ARG A 102 5.96 -7.86 -6.97
N GLU A 103 7.21 -8.19 -6.64
CA GLU A 103 7.85 -7.70 -5.38
C GLU A 103 7.83 -6.20 -5.13
N SER A 104 7.52 -5.36 -6.12
CA SER A 104 7.51 -3.92 -5.87
C SER A 104 6.09 -3.38 -5.63
N CYS A 105 5.10 -4.26 -5.82
CA CYS A 105 3.72 -3.92 -5.55
C CYS A 105 3.50 -4.05 -4.05
N VAL A 106 2.49 -3.38 -3.52
CA VAL A 106 2.01 -3.59 -2.15
C VAL A 106 0.82 -4.55 -2.29
N PHE A 107 0.73 -5.57 -1.45
CA PHE A 107 -0.41 -6.45 -1.49
C PHE A 107 -1.35 -5.93 -0.44
N HIS A 108 -2.46 -5.36 -0.84
CA HIS A 108 -3.24 -4.63 0.11
C HIS A 108 -4.68 -5.06 -0.06
N ARG A 109 -5.23 -5.69 0.99
CA ARG A 109 -6.63 -6.07 1.00
C ARG A 109 -6.91 -6.95 -0.20
N GLY A 110 -5.99 -7.86 -0.44
CA GLY A 110 -6.07 -8.81 -1.53
C GLY A 110 -5.82 -8.28 -2.92
N ASN A 111 -5.27 -7.07 -3.04
CA ASN A 111 -5.06 -6.45 -4.35
C ASN A 111 -3.60 -6.04 -4.48
N TYR A 112 -3.08 -6.04 -5.70
CA TYR A 112 -1.71 -5.54 -5.91
C TYR A 112 -1.78 -4.05 -6.23
N VAL A 113 -1.36 -3.27 -5.24
CA VAL A 113 -1.36 -1.82 -5.32
C VAL A 113 0.03 -1.32 -5.74
N LYS A 114 0.02 -0.47 -6.76
CA LYS A 114 1.20 0.27 -7.18
C LYS A 114 1.24 1.54 -6.37
N ASP A 115 2.14 1.53 -5.41
CA ASP A 115 2.30 2.64 -4.48
C ASP A 115 3.27 3.72 -5.08
N LEU A 116 2.68 4.74 -5.68
CA LEU A 116 3.44 5.76 -6.41
C LEU A 116 4.46 6.55 -5.55
N SER A 117 4.19 6.65 -4.25
CA SER A 117 5.06 7.23 -3.25
C SER A 117 6.39 6.53 -3.03
N ARG A 118 6.48 5.24 -3.31
CA ARG A 118 7.77 4.57 -3.22
C ARG A 118 8.60 4.86 -4.51
N LEU A 119 8.03 5.59 -5.48
CA LEU A 119 8.69 5.70 -6.78
C LEU A 119 9.96 6.59 -6.69
N GLY A 120 9.84 7.70 -5.97
CA GLY A 120 10.92 8.67 -5.88
C GLY A 120 10.80 9.71 -6.94
N ARG A 121 9.58 10.10 -7.26
CA ARG A 121 9.34 11.11 -8.23
C ARG A 121 8.31 12.05 -7.62
N ASP A 122 8.45 13.35 -7.82
CA ASP A 122 7.45 14.27 -7.31
C ASP A 122 6.10 13.83 -7.86
N LEU A 123 5.11 13.68 -6.98
CA LEU A 123 3.82 13.15 -7.45
C LEU A 123 3.02 14.05 -8.38
N ARG A 124 3.46 15.31 -8.59
CA ARG A 124 2.68 16.21 -9.48
C ARG A 124 3.12 15.96 -10.88
N ARG A 125 4.17 15.15 -10.99
CA ARG A 125 4.71 14.73 -12.25
C ARG A 125 4.82 13.17 -12.34
N VAL A 126 3.75 12.46 -11.93
CA VAL A 126 3.66 11.00 -12.03
C VAL A 126 2.26 10.69 -12.52
N LEU A 127 2.18 9.86 -13.56
CA LEU A 127 0.93 9.27 -14.02
C LEU A 127 0.97 7.71 -13.93
N ILE A 128 -0.18 7.06 -13.76
CA ILE A 128 -0.26 5.59 -13.76
C ILE A 128 -1.26 5.22 -14.81
N LEU A 129 -0.86 4.37 -15.77
CA LEU A 129 -1.81 3.86 -16.77
C LEU A 129 -2.05 2.35 -16.46
N ASP A 130 -3.29 1.96 -16.13
CA ASP A 130 -3.58 0.60 -15.64
C ASP A 130 -5.00 0.26 -15.95
N ASN A 131 -5.28 -0.98 -16.37
CA ASN A 131 -6.70 -1.42 -16.64
C ASN A 131 -7.51 -1.69 -15.36
N SER A 132 -6.83 -1.57 -14.24
CA SER A 132 -7.28 -2.19 -13.05
C SER A 132 -7.31 -1.14 -11.96
N PRO A 133 -8.51 -0.61 -11.66
CA PRO A 133 -8.61 0.51 -10.74
C PRO A 133 -7.98 0.26 -9.35
N ALA A 134 -7.82 -0.98 -8.97
CA ALA A 134 -7.19 -1.28 -7.72
C ALA A 134 -5.72 -0.97 -7.66
N SER A 135 -4.97 -1.05 -8.76
CA SER A 135 -3.54 -0.82 -8.63
C SER A 135 -3.19 0.58 -8.20
N TYR A 136 -4.15 1.51 -8.39
CA TYR A 136 -4.02 2.90 -7.95
C TYR A 136 -5.03 3.46 -6.96
N VAL A 137 -5.57 2.59 -6.08
CA VAL A 137 -6.37 3.08 -4.94
C VAL A 137 -5.71 4.15 -4.13
N PHE A 138 -4.41 4.07 -3.95
CA PHE A 138 -3.72 5.10 -3.17
C PHE A 138 -3.55 6.42 -3.89
N HIS A 139 -3.72 6.44 -5.22
CA HIS A 139 -3.40 7.62 -6.02
C HIS A 139 -4.41 7.75 -7.11
N PRO A 140 -5.68 7.86 -6.72
CA PRO A 140 -6.66 7.87 -7.81
C PRO A 140 -6.46 9.09 -8.68
N ASP A 141 -5.77 10.13 -8.18
CA ASP A 141 -5.73 11.39 -8.93
C ASP A 141 -4.52 11.48 -9.82
N ASN A 142 -3.69 10.42 -9.77
CA ASN A 142 -2.60 10.24 -10.71
C ASN A 142 -2.93 9.32 -11.90
N ALA A 143 -4.20 9.01 -12.13
CA ALA A 143 -4.49 7.83 -12.96
C ALA A 143 -5.15 8.12 -14.24
N VAL A 144 -4.70 7.41 -15.28
CA VAL A 144 -5.44 7.39 -16.52
C VAL A 144 -6.07 6.01 -16.67
N PRO A 145 -7.41 5.91 -16.51
CA PRO A 145 -8.10 4.63 -16.70
C PRO A 145 -7.96 4.14 -18.12
N VAL A 146 -7.78 2.84 -18.27
CA VAL A 146 -7.88 2.27 -19.59
C VAL A 146 -8.69 0.96 -19.42
N ALA A 147 -9.54 0.64 -20.39
CA ALA A 147 -10.25 -0.63 -20.35
C ALA A 147 -9.37 -1.89 -20.50
N SER A 148 -9.84 -3.00 -19.92
CA SER A 148 -9.09 -4.23 -19.97
C SER A 148 -9.20 -4.76 -21.35
N TRP A 149 -8.08 -5.20 -21.87
CA TRP A 149 -8.10 -5.75 -23.21
C TRP A 149 -7.72 -7.22 -23.12
N PHE A 150 -8.46 -8.05 -23.87
CA PHE A 150 -8.25 -9.50 -23.91
C PHE A 150 -7.89 -9.92 -25.31
N ASP A 151 -8.82 -9.76 -26.25
CA ASP A 151 -8.52 -10.12 -27.65
C ASP A 151 -9.25 -9.31 -28.69
N ASN A 152 -10.05 -8.31 -28.31
CA ASN A 152 -10.84 -7.51 -29.25
C ASN A 152 -9.99 -6.66 -30.20
N MET A 153 -9.90 -7.05 -31.46
CA MET A 153 -8.90 -6.45 -32.36
C MET A 153 -9.43 -5.19 -33.08
N SER A 154 -10.61 -4.73 -32.67
CA SER A 154 -11.14 -3.44 -33.05
C SER A 154 -10.86 -2.40 -31.94
N ASP A 155 -10.34 -2.83 -30.80
CA ASP A 155 -10.00 -1.88 -29.72
C ASP A 155 -9.18 -0.67 -30.26
N THR A 156 -9.49 0.54 -29.81
CA THR A 156 -8.66 1.68 -30.26
C THR A 156 -8.19 2.56 -29.11
N GLU A 157 -8.17 2.04 -27.89
CA GLU A 157 -8.03 2.86 -26.73
C GLU A 157 -6.66 3.45 -26.58
N LEU A 158 -5.62 2.70 -26.95
CA LEU A 158 -4.26 3.20 -26.89
C LEU A 158 -4.08 4.37 -27.84
N HIS A 159 -4.58 4.21 -29.06
CA HIS A 159 -4.61 5.29 -30.06
C HIS A 159 -5.42 6.50 -29.56
N ASP A 160 -6.67 6.30 -29.19
CA ASP A 160 -7.52 7.35 -28.62
C ASP A 160 -6.98 8.03 -27.35
N LEU A 161 -6.14 7.35 -26.58
CA LEU A 161 -5.57 7.96 -25.36
C LEU A 161 -4.38 8.89 -25.64
N LEU A 162 -3.77 8.76 -26.81
CA LEU A 162 -2.56 9.48 -27.11
C LEU A 162 -2.71 11.06 -27.07
N PRO A 163 -3.75 11.66 -27.70
CA PRO A 163 -3.81 13.14 -27.59
C PRO A 163 -3.97 13.58 -26.18
N PHE A 164 -4.42 12.70 -25.28
CA PHE A 164 -4.61 13.14 -23.91
C PHE A 164 -3.28 13.10 -23.19
N PHE A 165 -2.45 12.14 -23.53
CA PHE A 165 -1.13 12.07 -22.96
C PHE A 165 -0.25 13.17 -23.57
N GLU A 166 -0.55 13.49 -24.83
CA GLU A 166 0.14 14.57 -25.53
C GLU A 166 -0.02 15.84 -24.68
N GLN A 167 -1.25 16.16 -24.29
CA GLN A 167 -1.51 17.27 -23.36
C GLN A 167 -0.90 17.15 -21.94
N LEU A 168 -1.05 15.98 -21.33
CA LEU A 168 -0.41 15.75 -20.02
C LEU A 168 1.11 15.88 -20.04
N SER A 169 1.71 15.70 -21.20
CA SER A 169 3.15 15.56 -21.24
C SER A 169 3.85 16.90 -20.99
N ARG A 170 3.07 17.95 -21.27
CA ARG A 170 3.45 19.35 -21.20
C ARG A 170 3.14 20.14 -19.93
N VAL A 171 2.22 19.68 -19.06
CA VAL A 171 1.80 20.45 -17.88
C VAL A 171 2.90 20.36 -16.82
N ASP A 172 2.92 21.29 -15.86
CA ASP A 172 3.92 21.24 -14.75
C ASP A 172 3.44 20.37 -13.59
N ASP A 173 2.12 20.24 -13.49
CA ASP A 173 1.45 19.55 -12.41
C ASP A 173 0.24 18.79 -12.98
N VAL A 174 0.32 17.45 -12.97
CA VAL A 174 -0.75 16.61 -13.53
C VAL A 174 -2.06 16.82 -12.78
N TYR A 175 -2.01 17.01 -11.48
CA TYR A 175 -3.21 17.32 -10.76
C TYR A 175 -3.94 18.52 -11.35
N SER A 176 -3.28 19.38 -12.11
CA SER A 176 -4.03 20.51 -12.62
C SER A 176 -5.05 20.05 -13.67
N VAL A 177 -4.84 18.85 -14.22
CA VAL A 177 -5.80 18.22 -15.16
C VAL A 177 -6.65 17.08 -14.52
N LEU A 178 -6.04 16.31 -13.63
CA LEU A 178 -6.72 15.13 -13.07
C LEU A 178 -7.55 15.48 -11.84
N ARG A 179 -6.92 16.11 -10.82
CA ARG A 179 -7.56 17.04 -9.85
C ARG A 179 -7.29 16.96 -8.32
N GLN A 180 -6.03 16.84 -7.88
CA GLN A 180 -5.64 16.84 -6.41
C GLN A 180 -4.76 18.07 -6.08
N GLN B 1 18.90 -8.47 14.83
CA GLN B 1 18.18 -7.23 14.32
C GLN B 1 16.67 -7.12 14.82
N TYR B 2 15.95 -6.07 14.39
CA TYR B 2 14.69 -5.60 15.00
C TYR B 2 13.34 -6.10 14.41
N LEU B 3 12.25 -5.62 15.01
CA LEU B 3 10.88 -5.96 14.68
C LEU B 3 10.39 -5.38 13.35
N LEU B 4 10.75 -4.12 13.06
CA LEU B 4 10.34 -3.48 11.82
C LEU B 4 11.49 -3.54 10.88
N PRO B 5 11.20 -3.60 9.57
CA PRO B 5 12.36 -3.29 8.73
C PRO B 5 12.54 -1.76 8.64
N GLU B 6 13.62 -1.32 7.97
CA GLU B 6 13.81 0.11 7.72
C GLU B 6 12.55 0.71 7.12
N ALA B 7 12.23 1.96 7.46
CA ALA B 7 11.01 2.60 6.95
C ALA B 7 11.12 2.91 5.45
N LYS B 8 10.05 2.67 4.69
CA LYS B 8 10.03 3.00 3.26
C LYS B 8 10.31 4.51 3.17
N ALA B 9 11.05 4.93 2.12
CA ALA B 9 11.59 6.30 1.99
C ALA B 9 10.61 7.47 2.25
N GLN B 10 9.42 7.39 1.67
CA GLN B 10 8.34 8.32 1.99
C GLN B 10 8.09 8.50 3.51
N ASP B 11 8.47 7.50 4.31
CA ASP B 11 8.19 7.46 5.75
C ASP B 11 9.35 7.88 6.66
N SER B 12 10.58 7.78 6.14
CA SER B 12 11.83 8.13 6.82
C SER B 12 11.77 9.29 7.81
N ASP B 13 11.19 10.40 7.38
CA ASP B 13 11.23 11.55 8.23
C ASP B 13 9.95 11.69 9.01
N LYS B 14 9.19 10.62 9.12
CA LYS B 14 7.98 10.65 9.93
C LYS B 14 8.16 10.03 11.28
N ILE B 15 7.34 10.48 12.20
CA ILE B 15 7.26 9.83 13.50
C ILE B 15 6.48 8.48 13.40
N CYS B 16 7.08 7.41 13.92
CA CYS B 16 6.44 6.10 14.14
C CYS B 16 5.41 6.07 15.27
N VAL B 17 4.17 5.75 14.93
CA VAL B 17 3.14 5.54 15.97
C VAL B 17 2.77 4.04 16.02
N VAL B 18 2.88 3.49 17.23
CA VAL B 18 2.47 2.15 17.56
C VAL B 18 1.08 2.25 18.16
N ILE B 19 0.15 1.53 17.56
CA ILE B 19 -1.25 1.62 17.96
C ILE B 19 -1.75 0.21 18.32
N ASP B 20 -2.48 0.16 19.42
CA ASP B 20 -3.03 -1.04 20.00
C ASP B 20 -4.37 -1.21 19.33
N LEU B 21 -4.87 -2.43 19.31
CA LEU B 21 -6.16 -2.65 18.67
C LEU B 21 -7.31 -2.66 19.68
N ASP B 22 -7.21 -3.58 20.63
CA ASP B 22 -8.28 -3.89 21.56
C ASP B 22 -8.55 -2.88 22.69
N GLU B 23 -9.79 -2.39 22.67
CA GLU B 23 -10.28 -1.38 23.62
C GLU B 23 -9.70 0.00 23.29
N THR B 24 -8.90 0.08 22.22
CA THR B 24 -8.35 1.35 21.68
C THR B 24 -9.08 1.72 20.39
N LEU B 25 -8.94 0.88 19.35
CA LEU B 25 -9.68 1.07 18.11
C LEU B 25 -10.97 0.28 18.06
N VAL B 26 -10.96 -0.94 18.63
CA VAL B 26 -12.15 -1.79 18.58
C VAL B 26 -12.43 -2.40 19.94
N HIS B 27 -13.63 -2.97 20.07
CA HIS B 27 -13.89 -3.89 21.18
C HIS B 27 -14.48 -5.26 20.71
N SER B 28 -13.74 -6.34 20.95
CA SER B 28 -14.13 -7.67 20.54
C SER B 28 -14.69 -8.56 21.67
N SER B 29 -15.66 -9.42 21.32
CA SER B 29 -16.28 -10.31 22.26
C SER B 29 -16.64 -11.66 21.57
N PHE B 30 -16.55 -12.79 22.29
CA PHE B 30 -17.10 -14.07 21.77
C PHE B 30 -18.61 -14.21 21.90
N LYS B 31 -19.21 -13.33 22.67
CA LYS B 31 -20.63 -13.26 22.94
C LYS B 31 -21.32 -12.54 21.81
N PRO B 32 -22.38 -13.11 21.25
CA PRO B 32 -22.99 -12.38 20.13
C PRO B 32 -23.56 -11.00 20.52
N VAL B 33 -23.53 -10.07 19.58
CA VAL B 33 -24.06 -8.72 19.75
C VAL B 33 -24.69 -8.48 18.41
N ASN B 34 -25.85 -7.86 18.39
CA ASN B 34 -26.52 -7.69 17.13
C ASN B 34 -25.84 -6.74 16.15
N ASN B 35 -25.06 -5.80 16.68
CA ASN B 35 -24.62 -4.68 15.88
C ASN B 35 -23.12 -4.71 15.67
N ALA B 36 -22.52 -5.88 15.65
CA ALA B 36 -21.11 -5.98 15.41
C ALA B 36 -20.82 -5.37 14.05
N ASP B 37 -19.72 -4.68 13.94
CA ASP B 37 -19.30 -4.19 12.63
C ASP B 37 -18.65 -5.33 11.84
N PHE B 38 -17.83 -6.12 12.52
CA PHE B 38 -17.13 -7.26 11.89
C PHE B 38 -17.48 -8.58 12.62
N ILE B 39 -17.56 -9.70 11.91
CA ILE B 39 -17.57 -11.01 12.57
C ILE B 39 -16.41 -11.81 12.01
N ILE B 40 -15.53 -12.31 12.86
CA ILE B 40 -14.32 -12.96 12.46
C ILE B 40 -14.35 -14.44 12.93
N PRO B 41 -14.23 -15.39 12.02
CA PRO B 41 -14.11 -16.79 12.54
C PRO B 41 -12.69 -17.14 12.98
N VAL B 42 -12.55 -17.65 14.21
CA VAL B 42 -11.24 -18.03 14.78
C VAL B 42 -11.23 -19.52 15.24
N GLU B 43 -10.29 -20.30 14.73
CA GLU B 43 -10.12 -21.68 15.07
C GLU B 43 -9.21 -21.76 16.27
N ILE B 44 -9.76 -22.31 17.36
CA ILE B 44 -9.02 -22.58 18.59
C ILE B 44 -9.16 -24.08 18.94
N ASP B 45 -8.05 -24.83 18.84
CA ASP B 45 -8.09 -26.33 18.90
C ASP B 45 -9.27 -26.88 18.07
N GLY B 46 -9.11 -26.98 16.76
CA GLY B 46 -10.15 -27.59 15.93
C GLY B 46 -11.51 -26.97 15.81
N VAL B 47 -11.88 -26.09 16.75
CA VAL B 47 -13.20 -25.45 16.80
C VAL B 47 -13.16 -24.00 16.27
N VAL B 48 -14.09 -23.68 15.37
CA VAL B 48 -14.25 -22.36 14.88
C VAL B 48 -15.22 -21.57 15.75
N HIS B 49 -14.64 -20.63 16.50
CA HIS B 49 -15.44 -19.61 17.23
C HIS B 49 -15.67 -18.36 16.39
N GLN B 50 -16.72 -17.64 16.73
CA GLN B 50 -17.05 -16.38 16.10
C GLN B 50 -16.70 -15.26 17.05
N VAL B 51 -15.87 -14.29 16.60
CA VAL B 51 -15.55 -13.10 17.37
C VAL B 51 -16.30 -11.91 16.78
N TYR B 52 -17.15 -11.29 17.58
CA TYR B 52 -17.94 -10.13 17.18
C TYR B 52 -17.14 -8.87 17.48
N VAL B 53 -16.96 -8.01 16.47
CA VAL B 53 -16.07 -6.84 16.62
C VAL B 53 -16.85 -5.54 16.47
N LEU B 54 -16.68 -4.66 17.44
CA LEU B 54 -17.31 -3.36 17.38
C LEU B 54 -16.28 -2.27 17.05
N LYS B 55 -16.64 -1.31 16.19
CA LYS B 55 -15.69 -0.19 15.87
C LYS B 55 -15.87 1.01 16.84
N ARG B 56 -14.79 1.48 17.48
CA ARG B 56 -14.80 2.80 18.12
C ARG B 56 -15.28 3.90 17.15
N PRO B 57 -16.21 4.77 17.60
CA PRO B 57 -16.67 5.84 16.67
C PRO B 57 -15.49 6.71 16.24
N HIS B 58 -15.55 7.14 14.98
CA HIS B 58 -14.52 7.99 14.37
C HIS B 58 -13.22 7.26 14.15
N VAL B 59 -13.22 5.94 14.26
CA VAL B 59 -11.99 5.17 13.98
C VAL B 59 -11.50 5.33 12.52
N ASP B 60 -12.44 5.49 11.59
CA ASP B 60 -12.12 5.58 10.16
C ASP B 60 -11.44 6.91 9.89
N GLU B 61 -12.08 8.02 10.29
CA GLU B 61 -11.42 9.33 10.19
C GLU B 61 -10.06 9.29 10.91
N PHE B 62 -10.01 8.64 12.08
CA PHE B 62 -8.80 8.68 12.87
C PHE B 62 -7.67 8.00 12.13
N LEU B 63 -7.95 6.84 11.56
CA LEU B 63 -6.91 6.05 10.92
C LEU B 63 -6.48 6.65 9.59
N GLN B 64 -7.43 7.14 8.79
CA GLN B 64 -7.04 7.79 7.54
C GLN B 64 -6.07 8.94 7.78
N ARG B 65 -6.46 9.85 8.69
CA ARG B 65 -5.58 10.92 9.12
C ARG B 65 -4.24 10.43 9.66
N MET B 66 -4.22 9.49 10.60
CA MET B 66 -2.97 9.08 11.23
C MET B 66 -2.03 8.49 10.24
N GLY B 67 -2.56 7.87 9.21
CA GLY B 67 -1.76 7.17 8.21
C GLY B 67 -1.04 8.15 7.32
N GLU B 68 -1.66 9.32 7.15
CA GLU B 68 -1.05 10.50 6.49
C GLU B 68 0.08 11.09 7.36
N LEU B 69 -0.26 11.48 8.59
CA LEU B 69 0.71 12.05 9.56
C LEU B 69 1.88 11.20 10.04
N PHE B 70 1.76 9.86 10.06
CA PHE B 70 2.74 9.03 10.78
C PHE B 70 3.12 7.78 10.06
N GLU B 71 4.20 7.14 10.47
CA GLU B 71 4.43 5.77 10.10
C GLU B 71 3.65 4.94 11.15
N CYS B 72 2.39 4.61 10.86
CA CYS B 72 1.53 3.87 11.76
C CYS B 72 1.85 2.37 11.79
N VAL B 73 1.92 1.82 13.01
CA VAL B 73 2.17 0.40 13.21
C VAL B 73 1.22 -0.14 14.23
N LEU B 74 0.69 -1.32 13.89
CA LEU B 74 -0.27 -2.04 14.69
C LEU B 74 0.53 -2.90 15.61
N PHE B 75 0.34 -2.69 16.91
CA PHE B 75 1.05 -3.48 17.91
C PHE B 75 0.02 -3.96 18.93
N THR B 76 -0.09 -5.27 19.05
CA THR B 76 -1.18 -5.86 19.82
C THR B 76 -0.69 -7.04 20.61
N ALA B 77 -1.26 -7.26 21.80
CA ALA B 77 -0.90 -8.44 22.54
C ALA B 77 -1.67 -9.72 22.04
N SER B 78 -2.66 -9.52 21.15
CA SER B 78 -3.50 -10.59 20.59
C SER B 78 -2.75 -11.41 19.56
N LEU B 79 -3.40 -12.53 19.20
CA LEU B 79 -2.85 -13.44 18.22
C LEU B 79 -3.26 -13.01 16.84
N ALA B 80 -2.40 -13.31 15.89
CA ALA B 80 -2.64 -12.94 14.50
C ALA B 80 -3.95 -13.49 14.02
N LYS B 81 -4.30 -14.69 14.46
CA LYS B 81 -5.48 -15.31 13.92
C LYS B 81 -6.71 -14.52 14.22
N TYR B 82 -6.62 -13.60 15.15
CA TYR B 82 -7.72 -12.67 15.45
C TYR B 82 -7.42 -11.27 14.92
N ALA B 83 -6.23 -10.75 15.28
CA ALA B 83 -5.84 -9.35 15.04
C ALA B 83 -5.62 -9.07 13.52
N ASP B 84 -4.89 -9.96 12.84
CA ASP B 84 -4.61 -9.79 11.43
C ASP B 84 -5.83 -9.64 10.53
N PRO B 85 -6.87 -10.48 10.69
CA PRO B 85 -8.08 -10.26 9.90
C PRO B 85 -8.83 -9.03 10.32
N VAL B 86 -8.74 -8.60 11.57
CA VAL B 86 -9.52 -7.41 11.92
C VAL B 86 -8.84 -6.22 11.25
N ALA B 87 -7.49 -6.23 11.27
CA ALA B 87 -6.71 -5.16 10.61
C ALA B 87 -7.02 -5.16 9.11
N ASP B 88 -7.17 -6.33 8.48
CA ASP B 88 -7.55 -6.34 7.02
C ASP B 88 -8.88 -5.66 6.83
N LEU B 89 -9.78 -5.82 7.78
CA LEU B 89 -11.15 -5.27 7.57
C LEU B 89 -11.23 -3.83 7.99
N LEU B 90 -10.46 -3.48 9.00
CA LEU B 90 -10.51 -2.14 9.59
C LEU B 90 -9.83 -1.10 8.69
N ASP B 91 -8.60 -1.42 8.28
CA ASP B 91 -7.70 -0.45 7.68
C ASP B 91 -7.90 -0.29 6.18
N LYS B 92 -8.97 0.39 5.78
CA LYS B 92 -9.21 0.57 4.37
C LYS B 92 -8.10 1.39 3.67
N TRP B 93 -7.43 2.30 4.37
CA TRP B 93 -6.58 3.25 3.63
C TRP B 93 -5.17 2.85 3.77
N GLY B 94 -4.93 1.63 4.19
CA GLY B 94 -3.54 1.24 4.34
C GLY B 94 -2.71 2.09 5.30
N ALA B 95 -3.32 2.62 6.35
CA ALA B 95 -2.54 3.28 7.37
C ALA B 95 -1.43 2.42 7.93
N PHE B 96 -1.61 1.10 8.06
CA PHE B 96 -0.66 0.32 8.87
C PHE B 96 0.48 -0.17 8.03
N ARG B 97 1.69 0.26 8.33
CA ARG B 97 2.78 -0.17 7.48
C ARG B 97 3.25 -1.52 7.96
N ALA B 98 2.97 -1.84 9.22
CA ALA B 98 3.36 -3.15 9.77
C ALA B 98 2.38 -3.54 10.87
N ARG B 99 2.41 -4.84 11.20
CA ARG B 99 1.52 -5.46 12.16
C ARG B 99 2.33 -6.41 12.98
N LEU B 100 2.22 -6.22 14.28
CA LEU B 100 2.93 -7.02 15.23
C LEU B 100 1.95 -7.47 16.29
N PHE B 101 2.16 -8.72 16.71
CA PHE B 101 1.19 -9.43 17.56
C PHE B 101 1.91 -10.01 18.76
N ARG B 102 1.20 -10.71 19.61
CA ARG B 102 1.75 -11.30 20.84
C ARG B 102 3.18 -11.86 20.75
N GLU B 103 3.54 -12.58 19.70
CA GLU B 103 4.93 -13.12 19.64
C GLU B 103 5.99 -11.99 19.68
N SER B 104 5.57 -10.77 19.36
CA SER B 104 6.50 -9.65 19.35
C SER B 104 6.59 -8.88 20.67
N CYS B 105 5.54 -8.96 21.48
CA CYS B 105 5.57 -8.43 22.83
C CYS B 105 6.59 -9.15 23.70
N VAL B 106 6.96 -8.53 24.82
CA VAL B 106 7.84 -9.17 25.80
C VAL B 106 6.95 -9.49 26.98
N PHE B 107 7.01 -10.75 27.42
CA PHE B 107 6.23 -11.20 28.62
C PHE B 107 7.08 -11.05 29.85
N HIS B 108 6.51 -10.32 30.79
CA HIS B 108 7.27 -9.79 31.90
C HIS B 108 6.29 -9.42 33.02
N ARG B 109 6.58 -9.95 34.22
CA ARG B 109 5.74 -9.72 35.39
C ARG B 109 4.27 -9.98 35.08
N GLY B 110 4.06 -11.08 34.37
CA GLY B 110 2.72 -11.51 33.97
C GLY B 110 1.99 -10.61 32.99
N ASN B 111 2.71 -9.72 32.30
CA ASN B 111 2.09 -8.82 31.31
C ASN B 111 2.85 -8.77 30.02
N TYR B 112 2.10 -8.68 28.93
CA TYR B 112 2.63 -8.53 27.57
C TYR B 112 2.97 -7.06 27.37
N VAL B 113 4.28 -6.81 27.30
CA VAL B 113 4.83 -5.46 27.23
C VAL B 113 5.15 -5.11 25.81
N LYS B 114 4.83 -3.88 25.41
CA LYS B 114 5.17 -3.45 24.04
C LYS B 114 6.51 -2.72 24.09
N ASP B 115 7.59 -3.45 23.88
CA ASP B 115 8.94 -2.91 24.04
C ASP B 115 9.42 -2.10 22.82
N LEU B 116 9.10 -0.81 22.84
CA LEU B 116 9.45 0.13 21.78
C LEU B 116 10.92 0.05 21.37
N SER B 117 11.86 -0.05 22.29
CA SER B 117 13.29 -0.25 21.91
C SER B 117 13.53 -1.34 20.89
N ARG B 118 12.47 -2.07 20.53
CA ARG B 118 12.68 -3.26 19.69
C ARG B 118 12.20 -3.02 18.27
N LEU B 119 11.43 -1.93 18.13
CA LEU B 119 11.01 -1.40 16.86
C LEU B 119 12.18 -1.19 15.88
N GLY B 120 13.25 -0.51 16.28
CA GLY B 120 14.33 -0.16 15.33
C GLY B 120 14.07 1.26 14.86
N ARG B 121 13.44 2.01 15.75
CA ARG B 121 13.27 3.42 15.59
C ARG B 121 14.11 4.21 16.63
N ASP B 122 14.14 5.53 16.45
CA ASP B 122 14.69 6.45 17.40
C ASP B 122 13.51 6.84 18.27
N LEU B 123 13.63 6.68 19.58
CA LEU B 123 12.47 6.81 20.45
C LEU B 123 11.97 8.22 20.70
N ARG B 124 12.81 9.23 20.38
CA ARG B 124 12.33 10.63 20.40
C ARG B 124 11.40 10.81 19.23
N ARG B 125 11.53 9.91 18.23
CA ARG B 125 10.54 9.79 17.15
C ARG B 125 9.71 8.48 17.22
N VAL B 126 9.14 8.16 18.39
CA VAL B 126 8.15 7.06 18.55
C VAL B 126 6.98 7.43 19.47
N LEU B 127 5.75 7.17 19.07
CA LEU B 127 4.63 7.26 20.01
C LEU B 127 3.95 5.88 20.15
N ILE B 128 3.33 5.64 21.31
CA ILE B 128 2.47 4.49 21.55
C ILE B 128 1.12 4.99 21.99
N LEU B 129 0.07 4.59 21.27
CA LEU B 129 -1.32 4.89 21.67
C LEU B 129 -1.94 3.56 22.13
N ASP B 130 -2.29 3.47 23.41
CA ASP B 130 -2.70 2.20 24.01
C ASP B 130 -3.57 2.45 25.24
N ASN B 131 -4.70 1.75 25.35
CA ASN B 131 -5.62 1.95 26.45
C ASN B 131 -5.10 1.42 27.81
N SER B 132 -4.03 0.64 27.82
CA SER B 132 -3.62 0.07 29.07
C SER B 132 -2.16 0.33 29.28
N PRO B 133 -1.80 1.01 30.41
CA PRO B 133 -0.44 1.43 30.74
C PRO B 133 0.59 0.33 30.85
N ALA B 134 0.16 -0.91 31.09
CA ALA B 134 1.10 -2.03 31.21
C ALA B 134 1.79 -2.34 29.88
N SER B 135 1.21 -1.90 28.77
CA SER B 135 1.80 -2.21 27.48
C SER B 135 3.11 -1.46 27.33
N TYR B 136 3.19 -0.28 27.96
CA TYR B 136 4.33 0.63 27.85
C TYR B 136 5.00 1.00 29.16
N VAL B 137 5.13 0.03 30.08
CA VAL B 137 5.86 0.24 31.33
C VAL B 137 7.35 0.53 31.14
N PHE B 138 7.93 0.03 30.06
CA PHE B 138 9.34 0.27 29.71
C PHE B 138 9.66 1.69 29.12
N HIS B 139 8.63 2.46 28.74
CA HIS B 139 8.81 3.68 27.97
C HIS B 139 7.54 4.44 28.14
N PRO B 140 7.20 4.84 29.39
CA PRO B 140 5.86 5.46 29.66
C PRO B 140 5.76 6.93 29.26
N ASP B 141 6.89 7.47 28.83
CA ASP B 141 6.93 8.88 28.50
C ASP B 141 6.63 9.08 27.03
N ASN B 142 6.61 7.96 26.25
CA ASN B 142 6.13 7.91 24.85
C ASN B 142 4.65 7.67 24.65
N ALA B 143 3.88 7.83 25.70
CA ALA B 143 2.55 7.32 25.67
C ALA B 143 1.54 8.43 25.51
N VAL B 144 0.69 8.28 24.51
CA VAL B 144 -0.50 9.06 24.50
C VAL B 144 -1.56 8.15 25.15
N PRO B 145 -1.87 8.36 26.43
CA PRO B 145 -2.81 7.40 26.96
C PRO B 145 -4.19 7.70 26.42
N VAL B 146 -5.01 6.68 26.27
CA VAL B 146 -6.37 6.83 25.78
C VAL B 146 -7.30 5.91 26.61
N ALA B 147 -8.51 6.36 26.89
CA ALA B 147 -9.43 5.61 27.73
C ALA B 147 -9.96 4.32 27.08
N SER B 148 -10.10 3.28 27.91
CA SER B 148 -10.57 1.99 27.45
C SER B 148 -11.95 2.13 26.88
N TRP B 149 -12.12 1.71 25.63
CA TRP B 149 -13.44 1.72 25.02
C TRP B 149 -14.05 0.29 24.98
N PHE B 150 -15.38 0.20 24.97
CA PHE B 150 -16.09 -1.07 25.02
C PHE B 150 -17.31 -1.05 24.10
N ASP B 151 -18.21 -0.13 24.32
CA ASP B 151 -19.46 -0.09 23.55
C ASP B 151 -20.14 1.28 23.56
N ASN B 152 -19.58 2.25 24.30
CA ASN B 152 -20.14 3.62 24.31
C ASN B 152 -20.08 4.24 22.93
N MET B 153 -21.22 4.26 22.26
CA MET B 153 -21.27 4.70 20.88
C MET B 153 -21.25 6.20 20.87
N SER B 154 -21.02 6.75 22.06
CA SER B 154 -21.03 8.20 22.21
C SER B 154 -19.63 8.71 22.42
N ASP B 155 -18.66 7.80 22.46
CA ASP B 155 -17.26 8.14 22.60
C ASP B 155 -16.79 9.03 21.44
N THR B 156 -15.90 9.98 21.77
CA THR B 156 -15.31 10.88 20.77
C THR B 156 -13.82 11.03 21.08
N GLU B 157 -13.28 10.19 21.93
CA GLU B 157 -11.88 10.31 22.24
C GLU B 157 -10.94 10.23 21.04
N LEU B 158 -11.35 9.60 19.95
CA LEU B 158 -10.43 9.49 18.81
C LEU B 158 -10.43 10.72 17.91
N HIS B 159 -11.61 11.30 17.74
CA HIS B 159 -11.78 12.55 17.03
C HIS B 159 -11.09 13.69 17.79
N ASP B 160 -11.34 13.75 19.11
CA ASP B 160 -10.74 14.75 20.01
C ASP B 160 -9.22 14.68 20.10
N LEU B 161 -8.61 13.60 19.63
CA LEU B 161 -7.19 13.37 19.87
C LEU B 161 -6.34 13.77 18.68
N LEU B 162 -7.00 13.97 17.54
CA LEU B 162 -6.31 14.25 16.27
C LEU B 162 -5.56 15.57 16.31
N PRO B 163 -6.24 16.67 16.77
CA PRO B 163 -5.52 17.95 16.79
C PRO B 163 -4.19 17.82 17.54
N PHE B 164 -4.22 17.26 18.74
CA PHE B 164 -3.00 16.97 19.53
C PHE B 164 -1.97 16.16 18.73
N PHE B 165 -2.47 15.18 17.95
CA PHE B 165 -1.62 14.38 17.07
C PHE B 165 -1.04 15.14 15.88
N GLU B 166 -1.83 16.09 15.37
CA GLU B 166 -1.39 16.97 14.29
C GLU B 166 -0.24 17.84 14.80
N GLN B 167 -0.44 18.44 15.98
CA GLN B 167 0.58 19.23 16.69
C GLN B 167 1.81 18.34 16.79
N LEU B 168 1.64 17.23 17.50
CA LEU B 168 2.70 16.27 17.70
C LEU B 168 3.47 15.84 16.44
N SER B 169 2.78 15.76 15.31
CA SER B 169 3.41 15.36 14.03
C SER B 169 4.60 16.26 13.61
N ARG B 170 4.50 17.56 13.94
CA ARG B 170 5.49 18.58 13.51
C ARG B 170 6.81 18.71 14.34
N VAL B 171 6.84 18.26 15.60
CA VAL B 171 8.07 18.33 16.44
C VAL B 171 9.12 17.31 16.00
N ASP B 172 10.33 17.38 16.54
CA ASP B 172 11.41 16.44 16.14
C ASP B 172 11.92 15.56 17.30
N ASP B 173 11.31 15.81 18.46
CA ASP B 173 11.61 15.15 19.72
C ASP B 173 10.30 15.15 20.49
N VAL B 174 9.69 13.96 20.61
CA VAL B 174 8.34 13.81 21.24
C VAL B 174 8.31 14.07 22.75
N TYR B 175 9.45 13.89 23.41
CA TYR B 175 9.59 14.14 24.84
C TYR B 175 9.50 15.64 25.23
N SER B 176 9.75 16.55 24.29
CA SER B 176 9.54 17.97 24.56
C SER B 176 8.06 18.31 24.85
N VAL B 177 7.12 17.48 24.37
CA VAL B 177 5.69 17.65 24.74
C VAL B 177 5.22 16.68 25.84
N LEU B 178 5.83 15.50 25.90
CA LEU B 178 5.46 14.47 26.89
C LEU B 178 6.45 14.39 28.06
N ARG B 179 7.58 15.11 27.92
CA ARG B 179 8.50 15.45 29.03
C ARG B 179 9.26 14.25 29.61
N GLN B 180 10.40 13.86 29.02
CA GLN B 180 11.39 12.96 29.70
C GLN B 180 12.81 13.53 29.68
#